data_3SK7
#
_entry.id   3SK7
#
_cell.length_a   29.008
_cell.length_b   55.029
_cell.length_c   135.534
_cell.angle_alpha   90.00
_cell.angle_beta   90.00
_cell.angle_gamma   90.00
#
_symmetry.space_group_name_H-M   'P 21 21 21'
#
loop_
_entity.id
_entity.type
_entity.pdbx_description
1 polymer 'Protein SeqA'
2 water water
#
_entity_poly.entity_id   1
_entity_poly.type   'polypeptide(L)'
_entity_poly.pdbx_seq_one_letter_code
;(FME)KDKVRAMRSLLISDEFAGLKNAIDRFMLILSTLHRIDSASFSEATMFKGRKRVYFADNEQTLLASGQTTKPKAIP
NTPFWVITNNNTSRKQQMVEQVMVRMGFPSDIIEKVTHSI
;
_entity_poly.pdbx_strand_id   A,B
#
# COMPACT_ATOMS: atom_id res chain seq x y z
N LYS A 2 -23.31 13.59 -0.26
CA LYS A 2 -24.27 14.03 0.75
C LYS A 2 -24.75 12.87 1.65
N ASP A 3 -24.82 11.65 1.10
CA ASP A 3 -25.25 10.49 1.88
C ASP A 3 -24.13 10.00 2.81
N LYS A 4 -22.88 10.19 2.37
CA LYS A 4 -21.72 9.87 3.20
C LYS A 4 -21.66 10.83 4.39
N VAL A 5 -21.88 12.10 4.12
CA VAL A 5 -21.97 13.12 5.16
C VAL A 5 -23.08 12.75 6.14
N ARG A 6 -24.20 12.30 5.61
CA ARG A 6 -25.33 11.93 6.44
C ARG A 6 -24.99 10.76 7.35
N ALA A 7 -24.23 9.80 6.81
CA ALA A 7 -23.80 8.64 7.61
C ALA A 7 -22.89 9.07 8.77
N MET A 8 -21.98 10.02 8.52
CA MET A 8 -21.09 10.49 9.59
C MET A 8 -21.88 11.25 10.67
N ARG A 9 -22.83 12.05 10.20
CA ARG A 9 -23.69 12.74 11.14
C ARG A 9 -24.49 11.74 11.98
N SER A 10 -25.01 10.71 11.33
CA SER A 10 -25.74 9.69 12.06
CA SER A 10 -25.74 9.66 12.03
C SER A 10 -24.87 9.01 13.12
N LEU A 11 -23.60 8.74 12.80
CA LEU A 11 -22.69 8.22 13.81
C LEU A 11 -22.63 9.12 15.06
N LEU A 12 -22.48 10.41 14.82
CA LEU A 12 -22.20 11.32 15.91
C LEU A 12 -23.37 11.40 16.90
N ILE A 13 -24.58 11.12 16.43
CA ILE A 13 -25.76 11.21 17.30
C ILE A 13 -26.26 9.82 17.73
N SER A 14 -25.51 8.79 17.36
CA SER A 14 -25.87 7.40 17.67
C SER A 14 -25.60 7.04 19.12
N ASP A 15 -26.36 6.08 19.61
CA ASP A 15 -26.18 5.60 20.99
C ASP A 15 -24.80 4.99 21.20
N GLU A 16 -24.34 4.24 20.19
CA GLU A 16 -23.07 3.55 20.28
C GLU A 16 -21.91 4.53 20.46
N PHE A 17 -21.92 5.60 19.67
CA PHE A 17 -20.91 6.62 19.79
C PHE A 17 -21.01 7.42 21.09
N ALA A 18 -22.24 7.73 21.51
CA ALA A 18 -22.48 8.53 22.69
C ALA A 18 -21.99 7.90 23.94
N GLY A 19 -22.00 6.57 23.94
CA GLY A 19 -21.64 5.81 25.11
C GLY A 19 -20.15 5.78 25.38
N LEU A 20 -19.37 6.19 24.39
CA LEU A 20 -17.91 6.07 24.48
C LEU A 20 -17.32 7.24 25.23
N LYS A 21 -16.69 6.98 26.37
CA LYS A 21 -16.15 8.07 27.20
C LYS A 21 -14.69 8.40 26.90
N ASN A 22 -14.04 7.59 26.08
CA ASN A 22 -12.63 7.74 25.83
C ASN A 22 -12.33 8.02 24.37
N ALA A 23 -11.36 8.91 24.18
CA ALA A 23 -10.99 9.37 22.84
C ALA A 23 -10.57 8.24 21.91
N ILE A 24 -9.84 7.28 22.44
CA ILE A 24 -9.31 6.22 21.59
C ILE A 24 -10.45 5.43 20.92
N ASP A 25 -11.53 5.20 21.65
CA ASP A 25 -12.61 4.40 21.13
C ASP A 25 -13.46 5.20 20.15
N ARG A 26 -13.59 6.51 20.39
CA ARG A 26 -14.30 7.34 19.48
C ARG A 26 -13.50 7.43 18.16
N PHE A 27 -12.18 7.63 18.30
CA PHE A 27 -11.24 7.65 17.18
C PHE A 27 -11.40 6.37 16.35
N MET A 28 -11.33 5.23 17.02
CA MET A 28 -11.47 3.96 16.34
C MET A 28 -12.81 3.75 15.63
N LEU A 29 -13.90 4.13 16.31
CA LEU A 29 -15.21 3.95 15.70
C LEU A 29 -15.40 4.89 14.50
N ILE A 30 -14.86 6.09 14.60
CA ILE A 30 -14.86 7.01 13.45
C ILE A 30 -14.13 6.38 12.25
N LEU A 31 -12.93 5.85 12.47
CA LEU A 31 -12.19 5.20 11.40
C LEU A 31 -12.93 3.97 10.84
N SER A 32 -13.48 3.14 11.72
CA SER A 32 -14.20 1.98 11.26
CA SER A 32 -14.22 1.98 11.27
C SER A 32 -15.38 2.40 10.40
N THR A 33 -16.04 3.48 10.81
CA THR A 33 -17.22 3.96 10.10
C THR A 33 -16.86 4.52 8.73
N LEU A 34 -15.77 5.26 8.66
CA LEU A 34 -15.31 5.80 7.39
C LEU A 34 -15.03 4.67 6.41
N HIS A 35 -14.40 3.61 6.90
CA HIS A 35 -14.15 2.45 6.06
C HIS A 35 -15.43 1.77 5.59
N ARG A 36 -16.39 1.63 6.49
CA ARG A 36 -17.68 1.06 6.16
C ARG A 36 -18.39 1.86 5.06
N ILE A 37 -18.33 3.18 5.18
CA ILE A 37 -19.00 4.06 4.23
C ILE A 37 -18.44 3.98 2.83
N ASP A 38 -17.12 3.90 2.70
CA ASP A 38 -16.48 3.84 1.38
C ASP A 38 -15.10 3.21 1.54
N SER A 39 -15.03 1.89 1.43
CA SER A 39 -13.80 1.19 1.74
C SER A 39 -12.70 1.54 0.75
N ALA A 40 -13.05 1.73 -0.52
CA ALA A 40 -12.05 2.04 -1.54
C ALA A 40 -11.40 3.39 -1.31
N SER A 41 -12.23 4.39 -1.01
CA SER A 41 -11.77 5.74 -0.74
C SER A 41 -10.92 5.77 0.56
N PHE A 42 -11.39 5.04 1.57
CA PHE A 42 -10.68 4.94 2.84
C PHE A 42 -9.31 4.30 2.63
N SER A 43 -9.28 3.21 1.87
CA SER A 43 -8.03 2.50 1.59
CA SER A 43 -8.03 2.50 1.59
C SER A 43 -7.03 3.43 0.92
N GLU A 44 -7.49 4.15 -0.10
CA GLU A 44 -6.58 5.06 -0.80
C GLU A 44 -6.05 6.12 0.15
N ALA A 45 -6.93 6.66 0.98
CA ALA A 45 -6.57 7.77 1.84
C ALA A 45 -5.60 7.40 2.94
N THR A 46 -5.67 6.17 3.39
CA THR A 46 -4.83 5.72 4.50
C THR A 46 -3.53 5.10 4.06
N MET A 47 -3.55 4.47 2.87
CA MET A 47 -2.34 3.81 2.36
C MET A 47 -1.47 4.79 1.58
N PHE A 48 -2.00 5.98 1.33
CA PHE A 48 -1.29 7.02 0.59
C PHE A 48 0.03 7.44 1.25
N ARG A 53 5.65 10.62 8.24
CA ARG A 53 5.36 9.51 9.15
C ARG A 53 4.25 8.63 8.60
N VAL A 54 4.41 7.33 8.77
CA VAL A 54 3.38 6.36 8.45
C VAL A 54 2.43 6.25 9.64
N TYR A 55 1.15 6.44 9.39
CA TYR A 55 0.15 6.33 10.42
C TYR A 55 -0.65 5.04 10.32
N PHE A 56 -0.85 4.54 9.11
CA PHE A 56 -1.70 3.39 8.85
C PHE A 56 -0.91 2.31 8.11
N ALA A 57 -1.35 1.07 8.34
CA ALA A 57 -0.83 -0.05 7.58
C ALA A 57 -1.91 -1.11 7.46
N ASP A 58 -1.65 -2.16 6.69
CA ASP A 58 -2.54 -3.32 6.62
C ASP A 58 -2.06 -4.47 7.49
N ASN A 59 -1.09 -4.18 8.36
CA ASN A 59 -0.59 -5.17 9.31
C ASN A 59 0.20 -4.50 10.44
N GLU A 60 0.28 -5.18 11.59
CA GLU A 60 0.92 -4.62 12.78
C GLU A 60 2.43 -4.39 12.59
N GLN A 61 3.07 -5.32 11.92
CA GLN A 61 4.52 -5.33 11.87
CA GLN A 61 4.52 -5.33 11.87
C GLN A 61 5.08 -4.13 11.12
N THR A 62 4.42 -3.74 10.05
CA THR A 62 4.86 -2.57 9.29
C THR A 62 4.94 -1.35 10.19
N LEU A 63 3.98 -1.23 11.09
CA LEU A 63 3.96 -0.08 11.96
C LEU A 63 5.01 -0.22 13.06
N LEU A 64 5.25 -1.44 13.54
CA LEU A 64 6.35 -1.65 14.47
C LEU A 64 7.72 -1.43 13.80
N ALA A 65 7.81 -1.69 12.50
CA ALA A 65 9.04 -1.43 11.75
C ALA A 65 9.26 0.07 11.64
N SER A 66 8.19 0.85 11.51
CA SER A 66 8.33 2.31 11.55
C SER A 66 8.79 2.86 12.93
N GLY A 67 8.40 2.20 14.02
CA GLY A 67 8.78 2.60 15.37
C GLY A 67 8.26 1.60 16.41
N GLN A 68 9.13 1.16 17.31
CA GLN A 68 8.75 0.11 18.27
C GLN A 68 7.74 0.56 19.32
N THR A 69 7.60 1.87 19.51
CA THR A 69 6.65 2.39 20.51
C THR A 69 5.43 3.06 19.90
N THR A 70 5.14 2.75 18.66
CA THR A 70 3.95 3.29 18.01
C THR A 70 2.61 2.72 18.52
N LYS A 71 2.63 1.63 19.28
CA LYS A 71 1.41 1.03 19.83
C LYS A 71 0.33 0.84 18.78
N PRO A 72 0.66 0.12 17.70
CA PRO A 72 -0.34 -0.10 16.67
C PRO A 72 -1.56 -0.86 17.20
N LYS A 73 -2.73 -0.48 16.71
CA LYS A 73 -3.95 -1.20 17.04
CA LYS A 73 -3.97 -1.17 17.05
C LYS A 73 -4.80 -1.44 15.80
N ALA A 74 -5.51 -2.57 15.78
CA ALA A 74 -6.37 -2.90 14.67
C ALA A 74 -7.61 -2.04 14.68
N ILE A 75 -7.96 -1.54 13.51
CA ILE A 75 -9.20 -0.81 13.34
C ILE A 75 -10.34 -1.80 13.15
N PRO A 76 -11.26 -1.86 14.11
CA PRO A 76 -12.28 -2.91 14.06
C PRO A 76 -13.08 -2.97 12.77
N ASN A 77 -13.35 -4.20 12.31
CA ASN A 77 -14.14 -4.44 11.12
CA ASN A 77 -14.16 -4.43 11.12
C ASN A 77 -13.45 -3.90 9.86
N THR A 78 -12.13 -3.80 9.93
CA THR A 78 -11.33 -3.43 8.77
C THR A 78 -10.07 -4.29 8.76
N PRO A 79 -9.35 -4.27 7.64
CA PRO A 79 -8.06 -4.96 7.53
C PRO A 79 -6.88 -4.09 7.94
N PHE A 80 -7.16 -2.89 8.44
CA PHE A 80 -6.13 -1.90 8.71
C PHE A 80 -5.76 -1.76 10.17
N TRP A 81 -4.59 -1.16 10.40
CA TRP A 81 -4.00 -0.87 11.69
C TRP A 81 -3.60 0.59 11.71
N VAL A 82 -3.60 1.18 12.91
CA VAL A 82 -3.23 2.58 13.07
C VAL A 82 -2.34 2.76 14.29
N ILE A 83 -1.41 3.70 14.24
CA ILE A 83 -0.61 4.02 15.39
C ILE A 83 -1.42 4.80 16.43
N THR A 84 -1.21 4.49 17.72
CA THR A 84 -1.97 5.11 18.78
C THR A 84 -1.11 5.74 19.85
N ASN A 85 0.18 5.87 19.59
CA ASN A 85 1.09 6.57 20.52
C ASN A 85 0.95 8.07 20.35
N ASN A 86 -0.25 8.58 20.58
CA ASN A 86 -0.49 9.98 20.26
C ASN A 86 -1.59 10.57 21.14
N ASN A 87 -1.69 11.88 21.15
CA ASN A 87 -2.69 12.59 21.92
C ASN A 87 -3.94 12.86 21.07
N THR A 88 -4.95 13.47 21.68
CA THR A 88 -6.21 13.70 20.98
C THR A 88 -6.03 14.67 19.84
N SER A 89 -5.17 15.67 20.02
CA SER A 89 -4.93 16.61 18.92
CA SER A 89 -4.94 16.61 18.93
C SER A 89 -4.41 15.90 17.67
N ARG A 90 -3.48 14.99 17.86
CA ARG A 90 -2.92 14.24 16.75
C ARG A 90 -3.97 13.32 16.12
N LYS A 91 -4.79 12.69 16.96
CA LYS A 91 -5.88 11.85 16.45
C LYS A 91 -6.83 12.69 15.57
N GLN A 92 -7.12 13.91 16.01
CA GLN A 92 -7.98 14.81 15.23
C GLN A 92 -7.34 15.09 13.88
N GLN A 93 -6.05 15.39 13.88
CA GLN A 93 -5.37 15.70 12.62
C GLN A 93 -5.36 14.53 11.66
N MET A 94 -5.20 13.34 12.20
CA MET A 94 -5.20 12.13 11.37
C MET A 94 -6.56 11.92 10.71
N VAL A 95 -7.62 12.07 11.50
CA VAL A 95 -8.97 11.90 10.96
C VAL A 95 -9.27 12.99 9.91
N GLU A 96 -8.85 14.21 10.18
CA GLU A 96 -9.05 15.26 9.21
C GLU A 96 -8.35 14.95 7.89
N GLN A 97 -7.09 14.52 7.96
CA GLN A 97 -6.34 14.19 6.76
CA GLN A 97 -6.33 14.21 6.76
C GLN A 97 -7.05 13.14 5.93
N VAL A 98 -7.52 12.09 6.62
CA VAL A 98 -8.24 11.04 5.94
C VAL A 98 -9.54 11.54 5.29
N MET A 99 -10.33 12.29 6.06
CA MET A 99 -11.61 12.72 5.59
C MET A 99 -11.49 13.75 4.47
N VAL A 100 -10.49 14.62 4.55
CA VAL A 100 -10.24 15.56 3.46
C VAL A 100 -9.91 14.82 2.17
N ARG A 101 -9.04 13.83 2.27
CA ARG A 101 -8.67 13.06 1.09
C ARG A 101 -9.83 12.24 0.51
N MET A 102 -10.71 11.78 1.39
CA MET A 102 -11.90 11.06 0.94
C MET A 102 -12.96 11.95 0.32
N GLY A 103 -12.77 13.27 0.42
CA GLY A 103 -13.64 14.23 -0.23
C GLY A 103 -14.75 14.83 0.60
N PHE A 104 -14.69 14.67 1.92
CA PHE A 104 -15.71 15.24 2.77
C PHE A 104 -15.55 16.77 2.84
N PRO A 105 -16.67 17.46 2.95
CA PRO A 105 -16.66 18.90 3.17
C PRO A 105 -16.23 19.24 4.60
N SER A 106 -15.70 20.43 4.79
CA SER A 106 -15.03 20.76 6.04
C SER A 106 -16.01 20.82 7.18
N ASP A 107 -17.26 21.12 6.90
CA ASP A 107 -18.26 21.28 7.96
C ASP A 107 -18.41 20.02 8.83
N ILE A 108 -18.65 18.90 8.16
CA ILE A 108 -18.80 17.63 8.85
C ILE A 108 -17.46 17.19 9.45
N ILE A 109 -16.35 17.54 8.79
CA ILE A 109 -15.05 17.15 9.31
C ILE A 109 -14.78 17.82 10.66
N GLU A 110 -15.11 19.10 10.75
CA GLU A 110 -14.98 19.82 12.01
C GLU A 110 -15.83 19.17 13.10
N LYS A 111 -17.08 18.82 12.78
CA LYS A 111 -17.90 18.17 13.81
C LYS A 111 -17.34 16.83 14.26
N VAL A 112 -16.86 16.05 13.29
CA VAL A 112 -16.35 14.72 13.61
C VAL A 112 -15.06 14.81 14.45
N THR A 113 -14.13 15.66 14.03
CA THR A 113 -12.89 15.79 14.79
C THR A 113 -13.10 16.41 16.17
N HIS A 114 -14.02 17.38 16.27
CA HIS A 114 -14.32 17.95 17.59
CA HIS A 114 -14.36 17.96 17.59
C HIS A 114 -14.89 16.93 18.57
N SER A 115 -15.44 15.84 18.05
CA SER A 115 -16.09 14.84 18.89
C SER A 115 -15.13 13.85 19.52
N ILE A 116 -13.91 13.86 19.04
CA ILE A 116 -12.87 12.96 19.56
C ILE A 116 -12.37 13.52 20.89
N LYS B 2 25.71 2.23 -16.58
CA LYS B 2 26.58 1.20 -17.15
C LYS B 2 26.63 -0.01 -16.21
N ASP B 3 26.66 0.26 -14.91
CA ASP B 3 26.80 -0.82 -13.94
C ASP B 3 25.49 -1.51 -13.62
N LYS B 4 24.41 -0.76 -13.65
CA LYS B 4 23.09 -1.35 -13.50
C LYS B 4 22.81 -2.31 -14.65
N VAL B 5 23.16 -1.89 -15.86
CA VAL B 5 22.98 -2.74 -17.03
C VAL B 5 23.82 -4.03 -16.86
N ARG B 6 25.06 -3.86 -16.40
CA ARG B 6 25.95 -5.01 -16.24
C ARG B 6 25.40 -5.93 -15.14
N ALA B 7 24.78 -5.35 -14.11
CA ALA B 7 24.19 -6.20 -13.09
C ALA B 7 22.99 -7.01 -13.60
N MET B 8 22.24 -6.44 -14.53
CA MET B 8 21.16 -7.22 -15.16
C MET B 8 21.69 -8.31 -16.10
N ARG B 9 22.74 -7.96 -16.84
CA ARG B 9 23.39 -8.99 -17.66
C ARG B 9 23.89 -10.14 -16.80
N SER B 10 24.48 -9.78 -15.66
CA SER B 10 24.98 -10.81 -14.73
CA SER B 10 24.97 -10.79 -14.73
C SER B 10 23.84 -11.67 -14.21
N LEU B 11 22.72 -11.06 -13.85
CA LEU B 11 21.57 -11.86 -13.42
C LEU B 11 21.19 -12.89 -14.47
N LEU B 12 21.10 -12.46 -15.73
CA LEU B 12 20.60 -13.37 -16.78
C LEU B 12 21.49 -14.58 -17.02
N ILE B 13 22.80 -14.41 -16.83
CA ILE B 13 23.68 -15.58 -16.95
C ILE B 13 23.98 -16.29 -15.63
N SER B 14 23.40 -15.86 -14.53
CA SER B 14 23.66 -16.51 -13.22
C SER B 14 23.03 -17.91 -13.13
N ASP B 15 23.67 -18.82 -12.40
CA ASP B 15 23.08 -20.14 -12.11
C ASP B 15 21.73 -20.03 -11.40
N GLU B 16 21.59 -19.05 -10.53
CA GLU B 16 20.35 -18.82 -9.80
CA GLU B 16 20.33 -18.81 -9.81
C GLU B 16 19.18 -18.60 -10.77
N PHE B 17 19.38 -17.70 -11.74
CA PHE B 17 18.34 -17.42 -12.70
C PHE B 17 18.08 -18.61 -13.61
N ALA B 18 19.16 -19.25 -14.07
CA ALA B 18 19.05 -20.37 -14.98
C ALA B 18 18.31 -21.55 -14.37
N GLY B 19 18.40 -21.69 -13.05
CA GLY B 19 17.77 -22.79 -12.35
C GLY B 19 16.27 -22.62 -12.13
N LEU B 20 15.75 -21.42 -12.34
CA LEU B 20 14.32 -21.21 -12.10
C LEU B 20 13.51 -21.95 -13.17
N LYS B 21 12.31 -22.38 -12.81
CA LYS B 21 11.59 -23.34 -13.62
C LYS B 21 10.27 -22.82 -14.11
N ASN B 22 10.00 -21.55 -13.87
CA ASN B 22 8.75 -20.95 -14.31
C ASN B 22 8.87 -19.43 -14.39
N ALA B 23 7.88 -18.83 -15.05
CA ALA B 23 7.91 -17.41 -15.35
C ALA B 23 7.76 -16.56 -14.09
N ILE B 24 6.90 -16.96 -13.18
CA ILE B 24 6.68 -16.13 -12.00
C ILE B 24 7.96 -16.01 -11.16
N ASP B 25 8.72 -17.10 -11.02
CA ASP B 25 9.98 -17.04 -10.31
C ASP B 25 11.01 -16.10 -10.99
N ARG B 26 11.09 -16.19 -12.33
CA ARG B 26 11.98 -15.32 -13.08
C ARG B 26 11.53 -13.87 -12.96
N PHE B 27 10.23 -13.66 -13.10
CA PHE B 27 9.60 -12.35 -12.91
C PHE B 27 10.00 -11.76 -11.55
N MET B 28 9.80 -12.55 -10.51
CA MET B 28 10.06 -12.07 -9.16
C MET B 28 11.52 -11.74 -8.90
N LEU B 29 12.40 -12.61 -9.38
CA LEU B 29 13.84 -12.36 -9.19
C LEU B 29 14.34 -11.14 -9.95
N ILE B 30 13.79 -10.92 -11.14
CA ILE B 30 14.10 -9.71 -11.90
C ILE B 30 13.69 -8.44 -11.15
N LEU B 31 12.48 -8.48 -10.59
CA LEU B 31 11.98 -7.32 -9.82
C LEU B 31 12.83 -7.08 -8.56
N SER B 32 13.12 -8.15 -7.83
CA SER B 32 13.96 -8.03 -6.65
CA SER B 32 13.98 -8.02 -6.66
C SER B 32 15.32 -7.41 -7.01
N THR B 33 15.89 -7.84 -8.12
CA THR B 33 17.20 -7.35 -8.51
C THR B 33 17.18 -5.88 -8.89
N LEU B 34 16.13 -5.49 -9.63
CA LEU B 34 15.98 -4.07 -10.03
C LEU B 34 15.88 -3.18 -8.81
N HIS B 35 15.13 -3.63 -7.81
CA HIS B 35 15.05 -2.89 -6.55
C HIS B 35 16.42 -2.81 -5.86
N ARG B 36 17.14 -3.92 -5.82
CA ARG B 36 18.45 -3.95 -5.18
CA ARG B 36 18.45 -3.95 -5.18
C ARG B 36 19.40 -2.94 -5.81
N ILE B 37 19.43 -2.89 -7.13
CA ILE B 37 20.44 -2.04 -7.78
C ILE B 37 20.12 -0.53 -7.77
N ASP B 38 18.84 -0.17 -7.59
CA ASP B 38 18.47 1.23 -7.47
C ASP B 38 17.07 1.38 -6.90
N SER B 39 16.97 1.44 -5.57
CA SER B 39 15.68 1.40 -4.92
C SER B 39 14.87 2.69 -5.12
N ALA B 40 15.55 3.82 -5.25
CA ALA B 40 14.89 5.10 -5.51
C ALA B 40 14.22 5.14 -6.89
N SER B 41 14.92 4.61 -7.88
CA SER B 41 14.40 4.55 -9.24
C SER B 41 13.25 3.54 -9.35
N PHE B 42 13.45 2.39 -8.72
CA PHE B 42 12.44 1.33 -8.68
C PHE B 42 11.15 1.79 -8.00
N SER B 43 11.27 2.43 -6.85
CA SER B 43 10.08 2.81 -6.08
C SER B 43 9.17 3.71 -6.90
N GLU B 44 9.76 4.71 -7.55
CA GLU B 44 8.95 5.64 -8.37
C GLU B 44 8.45 4.98 -9.64
N ALA B 45 9.27 4.11 -10.23
CA ALA B 45 8.84 3.41 -11.44
C ALA B 45 7.69 2.44 -11.23
N THR B 46 7.58 1.87 -10.04
CA THR B 46 6.49 0.95 -9.74
C THR B 46 5.28 1.62 -9.12
N MET B 47 5.52 2.64 -8.29
CA MET B 47 4.41 3.27 -7.57
C MET B 47 3.72 4.29 -8.45
N PHE B 48 4.23 4.48 -9.66
CA PHE B 48 3.51 5.21 -10.69
C PHE B 48 2.41 4.33 -11.26
N ARG B 53 -4.44 1.97 -13.65
CA ARG B 53 -4.47 0.52 -13.36
C ARG B 53 -3.28 0.07 -12.52
N VAL B 54 -3.53 -0.43 -11.32
CA VAL B 54 -2.48 -0.62 -10.31
C VAL B 54 -1.90 -2.01 -10.30
N TYR B 55 -0.59 -2.12 -10.46
CA TYR B 55 0.09 -3.41 -10.47
C TYR B 55 0.95 -3.64 -9.25
N PHE B 56 1.51 -2.57 -8.71
CA PHE B 56 2.44 -2.62 -7.61
C PHE B 56 1.91 -1.79 -6.45
N ALA B 57 2.28 -2.18 -5.25
CA ALA B 57 1.95 -1.38 -4.05
C ALA B 57 2.96 -1.64 -2.97
N ASP B 58 2.93 -0.85 -1.89
CA ASP B 58 3.80 -1.12 -0.74
C ASP B 58 3.08 -1.95 0.30
N ASN B 59 1.94 -2.50 -0.08
CA ASN B 59 1.17 -3.37 0.81
C ASN B 59 0.20 -4.24 0.02
N GLU B 60 -0.24 -5.34 0.63
CA GLU B 60 -1.12 -6.29 -0.05
C GLU B 60 -2.53 -5.74 -0.26
N GLN B 61 -3.03 -5.02 0.74
CA GLN B 61 -4.42 -4.62 0.72
C GLN B 61 -4.75 -3.70 -0.46
N THR B 62 -3.84 -2.79 -0.79
CA THR B 62 -4.05 -1.88 -1.90
C THR B 62 -4.30 -2.66 -3.19
N LEU B 63 -3.63 -3.80 -3.34
CA LEU B 63 -3.81 -4.62 -4.52
C LEU B 63 -5.06 -5.48 -4.44
N LEU B 64 -5.44 -5.92 -3.24
CA LEU B 64 -6.72 -6.64 -3.07
C LEU B 64 -7.92 -5.70 -3.29
N ALA B 65 -7.74 -4.41 -3.03
CA ALA B 65 -8.80 -3.45 -3.29
C ALA B 65 -9.12 -3.31 -4.79
N SER B 66 -8.13 -3.57 -5.64
CA SER B 66 -8.32 -3.52 -7.08
C SER B 66 -8.97 -4.79 -7.63
N GLY B 67 -9.09 -5.80 -6.76
CA GLY B 67 -9.71 -7.06 -7.11
C GLY B 67 -9.25 -8.17 -6.19
N GLN B 68 -10.17 -9.00 -5.75
CA GLN B 68 -9.87 -10.00 -4.73
C GLN B 68 -9.11 -11.19 -5.29
N THR B 69 -9.13 -11.33 -6.62
CA THR B 69 -8.50 -12.45 -7.31
C THR B 69 -7.15 -12.09 -7.94
N THR B 70 -6.56 -10.95 -7.54
CA THR B 70 -5.35 -10.48 -8.18
C THR B 70 -4.08 -11.24 -7.77
N LYS B 71 -4.20 -12.05 -6.73
CA LYS B 71 -3.05 -12.81 -6.23
C LYS B 71 -1.82 -11.96 -6.00
N PRO B 72 -1.95 -10.92 -5.17
CA PRO B 72 -0.76 -10.13 -4.85
C PRO B 72 0.29 -10.97 -4.14
N LYS B 73 1.55 -10.72 -4.47
CA LYS B 73 2.67 -11.38 -3.83
C LYS B 73 3.79 -10.41 -3.47
N ALA B 74 4.46 -10.68 -2.35
CA ALA B 74 5.56 -9.84 -1.91
C ALA B 74 6.75 -10.10 -2.81
N ILE B 75 7.39 -9.03 -3.27
CA ILE B 75 8.63 -9.12 -4.01
C ILE B 75 9.77 -9.32 -3.00
N PRO B 76 10.46 -10.47 -3.07
CA PRO B 76 11.47 -10.81 -2.06
C PRO B 76 12.54 -9.73 -1.89
N ASN B 77 12.91 -9.51 -0.64
CA ASN B 77 13.93 -8.53 -0.29
C ASN B 77 13.58 -7.10 -0.62
N THR B 78 12.29 -6.83 -0.74
CA THR B 78 11.79 -5.46 -0.93
C THR B 78 10.54 -5.27 -0.09
N PRO B 79 10.12 -4.02 0.08
CA PRO B 79 8.86 -3.74 0.79
C PRO B 79 7.64 -3.69 -0.15
N PHE B 80 7.82 -4.12 -1.39
CA PHE B 80 6.78 -3.96 -2.42
C PHE B 80 6.08 -5.26 -2.71
N TRP B 81 4.90 -5.13 -3.32
CA TRP B 81 4.00 -6.22 -3.68
C TRP B 81 3.60 -6.03 -5.13
N VAL B 82 3.26 -7.13 -5.79
CA VAL B 82 2.85 -7.07 -7.19
C VAL B 82 1.71 -8.05 -7.46
N ILE B 83 0.80 -7.70 -8.36
CA ILE B 83 -0.25 -8.63 -8.74
C ILE B 83 0.33 -9.71 -9.65
N THR B 84 -0.08 -10.96 -9.43
CA THR B 84 0.48 -12.08 -10.18
C THR B 84 -0.54 -12.95 -10.89
N ASN B 85 -1.82 -12.59 -10.82
CA ASN B 85 -2.80 -13.35 -11.57
C ASN B 85 -2.87 -12.81 -12.97
N ASN B 86 -1.85 -13.13 -13.74
CA ASN B 86 -1.68 -12.66 -15.11
C ASN B 86 -0.80 -13.63 -15.88
N ASN B 87 -0.75 -13.46 -17.19
CA ASN B 87 0.05 -14.36 -18.02
C ASN B 87 1.44 -13.81 -18.30
N THR B 88 2.25 -14.57 -19.00
CA THR B 88 3.64 -14.19 -19.17
C THR B 88 3.79 -12.97 -20.07
N SER B 89 2.92 -12.80 -21.05
CA SER B 89 2.97 -11.61 -21.89
C SER B 89 2.77 -10.32 -21.07
N ARG B 90 1.84 -10.39 -20.12
CA ARG B 90 1.60 -9.26 -19.25
C ARG B 90 2.77 -9.02 -18.32
N LYS B 91 3.34 -10.09 -17.74
CA LYS B 91 4.50 -9.94 -16.89
C LYS B 91 5.67 -9.26 -17.64
N GLN B 92 5.87 -9.67 -18.88
CA GLN B 92 6.92 -9.05 -19.69
C GLN B 92 6.64 -7.55 -19.89
N GLN B 93 5.37 -7.23 -20.16
CA GLN B 93 4.97 -5.83 -20.30
C GLN B 93 5.22 -5.00 -19.05
N MET B 94 4.89 -5.60 -17.90
CA MET B 94 5.07 -4.94 -16.61
C MET B 94 6.55 -4.65 -16.34
N VAL B 95 7.38 -5.67 -16.52
CA VAL B 95 8.81 -5.46 -16.32
C VAL B 95 9.37 -4.43 -17.31
N GLU B 96 8.91 -4.51 -18.55
CA GLU B 96 9.33 -3.54 -19.55
C GLU B 96 9.00 -2.10 -19.15
N GLN B 97 7.78 -1.88 -18.69
CA GLN B 97 7.38 -0.57 -18.21
C GLN B 97 8.23 -0.07 -17.05
N VAL B 98 8.46 -0.94 -16.07
CA VAL B 98 9.33 -0.58 -14.95
C VAL B 98 10.72 -0.17 -15.44
N MET B 99 11.26 -0.97 -16.35
CA MET B 99 12.63 -0.72 -16.77
C MET B 99 12.78 0.52 -17.62
N VAL B 100 11.78 0.78 -18.47
CA VAL B 100 11.74 2.04 -19.19
C VAL B 100 11.74 3.23 -18.22
N ARG B 101 10.89 3.17 -17.20
CA ARG B 101 10.84 4.27 -16.23
C ARG B 101 12.08 4.40 -15.38
N MET B 102 12.82 3.30 -15.20
CA MET B 102 14.11 3.36 -14.53
C MET B 102 15.28 3.83 -15.40
N GLY B 103 15.03 4.01 -16.70
CA GLY B 103 16.00 4.62 -17.59
C GLY B 103 16.93 3.65 -18.30
N PHE B 104 16.62 2.37 -18.25
CA PHE B 104 17.45 1.38 -18.91
C PHE B 104 17.44 1.56 -20.44
N PRO B 105 18.60 1.32 -21.09
CA PRO B 105 18.68 1.28 -22.54
C PRO B 105 17.81 0.17 -23.09
N SER B 106 17.35 0.30 -24.31
CA SER B 106 16.40 -0.64 -24.88
C SER B 106 16.93 -2.08 -25.01
N ASP B 107 18.23 -2.22 -25.28
CA ASP B 107 18.77 -3.54 -25.57
C ASP B 107 18.61 -4.48 -24.36
N ILE B 108 19.05 -4.00 -23.21
CA ILE B 108 18.95 -4.80 -21.99
C ILE B 108 17.49 -5.03 -21.61
N ILE B 109 16.62 -4.06 -21.86
CA ILE B 109 15.22 -4.27 -21.61
C ILE B 109 14.66 -5.41 -22.42
N GLU B 110 14.99 -5.45 -23.70
CA GLU B 110 14.53 -6.53 -24.56
CA GLU B 110 14.51 -6.53 -24.56
C GLU B 110 15.04 -7.88 -24.04
N LYS B 111 16.32 -7.91 -23.68
CA LYS B 111 16.91 -9.17 -23.22
C LYS B 111 16.30 -9.67 -21.90
N VAL B 112 16.12 -8.74 -20.96
CA VAL B 112 15.53 -9.10 -19.66
C VAL B 112 14.09 -9.54 -19.85
N THR B 113 13.31 -8.76 -20.59
CA THR B 113 11.90 -9.09 -20.68
C THR B 113 11.64 -10.40 -21.41
N HIS B 114 12.41 -10.67 -22.46
CA HIS B 114 12.21 -11.91 -23.21
CA HIS B 114 12.21 -11.90 -23.21
C HIS B 114 12.65 -13.16 -22.45
N SER B 115 13.36 -12.98 -21.34
CA SER B 115 13.83 -14.10 -20.55
CA SER B 115 13.83 -14.08 -20.52
C SER B 115 12.76 -14.63 -19.61
N ILE B 116 11.69 -13.87 -19.43
CA ILE B 116 10.66 -14.29 -18.49
C ILE B 116 9.84 -15.43 -19.09
#